data_4IE6
#
_entry.id   4IE6
#
_cell.length_a   141.458
_cell.length_b   141.458
_cell.length_c   83.807
_cell.angle_alpha   90.000
_cell.angle_beta   90.000
_cell.angle_gamma   120.000
#
_symmetry.space_group_name_H-M   'H 3'
#
loop_
_entity.id
_entity.type
_entity.pdbx_description
1 polymer 'Alpha-ketoglutarate-dependent dioxygenase FTO'
2 non-polymer 'ZINC ION'
3 non-polymer N-[(1-CHLORO-4-HYDROXYISOQUINOLIN-3-YL)CARBONYL]GLYCINE
4 water water
#
_entity_poly.entity_id   1
_entity_poly.type   'polypeptide(L)'
_entity_poly.pdbx_seq_one_letter_code
;MGSSHHHHHHSSGLVPRGSHMTPKDDEFYQQWQLKYPKLILREASSVSEELHKEVQEAFLTLHKHGCLFRDLVRIQGKDL
LTPVSRILIGNPGCTYKYLNTRLFTVPWPVKGSNIKHTEAEIAAACETFLKLNDYLQIETIQALEELAAKEKANEDAVPL
CMSADFPRVGMGSSYNGQDEVDIKSRAAYNVTLLNFMDPQKMPYLKEEPYFGMGKMAVSWHHDENLVDRSAVAVYSYSCE
GPEEESEDDSHLEGRDPDIWHVGFKISWDIETPGLAIPLHQGDCYFMLDDLNATHQHCVLAGSQPRFSSTHRVAECSTGT
LDYILQRCQLALQNVCDDVDNDDVSLKSFEPAVLKQGEEIHNEVEFEWLRQFWFQGNRYRKCTDWWCQPMAQLEALWKKM
EGVTNAVLHEVKREGLPVEQRNEILTAILASLTARQNLRREWHARCQSRIARTLPADQKPECRPYWEKDDASMPLPFDLT
DIVSELRGQLLEAKP
;
_entity_poly.pdbx_strand_id   A
#
loop_
_chem_comp.id
_chem_comp.type
_chem_comp.name
_chem_comp.formula
UN9 non-polymer N-[(1-CHLORO-4-HYDROXYISOQUINOLIN-3-YL)CARBONYL]GLYCINE 'C12 H9 Cl N2 O4'
ZN non-polymer 'ZINC ION' 'Zn 2'
#
# COMPACT_ATOMS: atom_id res chain seq x y z
N GLY A 13 11.94 5.37 -43.61
CA GLY A 13 11.83 6.09 -42.36
C GLY A 13 11.13 5.30 -41.27
N LEU A 14 11.29 3.98 -41.28
CA LEU A 14 10.69 3.12 -40.27
C LEU A 14 11.74 2.64 -39.27
N VAL A 15 11.39 2.66 -37.99
CA VAL A 15 12.33 2.34 -36.92
C VAL A 15 11.75 1.30 -35.97
N PRO A 16 12.52 0.92 -34.94
CA PRO A 16 12.08 -0.01 -33.90
C PRO A 16 10.68 0.32 -33.34
N ARG A 17 9.85 -0.72 -33.33
CA ARG A 17 8.40 -0.61 -33.24
C ARG A 17 7.78 0.79 -33.10
N GLY A 18 7.60 1.22 -31.87
CA GLY A 18 6.61 2.23 -31.58
C GLY A 18 5.28 1.58 -31.89
N SER A 19 5.19 0.28 -31.59
CA SER A 19 4.00 -0.51 -31.91
C SER A 19 3.69 -1.60 -30.86
N HIS A 20 2.52 -2.20 -30.97
CA HIS A 20 2.16 -3.29 -30.07
C HIS A 20 1.49 -4.45 -30.80
N MET A 21 1.49 -5.61 -30.17
CA MET A 21 0.89 -6.81 -30.73
C MET A 21 -0.26 -7.29 -29.87
N THR A 22 -1.32 -7.73 -30.57
CA THR A 22 -2.43 -8.44 -29.95
C THR A 22 -2.54 -9.80 -30.62
N PRO A 23 -3.47 -10.66 -30.17
CA PRO A 23 -3.69 -11.95 -30.84
C PRO A 23 -4.02 -11.85 -32.33
N LYS A 24 -4.47 -10.67 -32.77
CA LYS A 24 -4.73 -10.48 -34.19
C LYS A 24 -3.41 -10.61 -34.97
N ASP A 25 -2.28 -10.65 -34.26
CA ASP A 25 -0.97 -10.69 -34.95
C ASP A 25 -0.28 -12.07 -34.91
N ASP A 26 0.31 -12.43 -36.07
CA ASP A 26 1.05 -13.68 -36.25
C ASP A 26 2.22 -13.77 -35.28
N GLU A 27 2.89 -12.63 -35.10
CA GLU A 27 4.06 -12.57 -34.26
C GLU A 27 3.73 -12.62 -32.76
N PHE A 28 2.45 -12.45 -32.43
CA PHE A 28 2.04 -12.27 -31.04
C PHE A 28 2.51 -13.41 -30.14
N TYR A 29 2.10 -14.61 -30.47
CA TYR A 29 2.41 -15.80 -29.70
C TYR A 29 3.91 -16.05 -29.58
N GLN A 30 4.66 -15.86 -30.66
CA GLN A 30 6.09 -16.09 -30.59
C GLN A 30 6.82 -15.00 -29.80
N GLN A 31 6.31 -13.78 -29.82
CA GLN A 31 6.88 -12.69 -29.07
C GLN A 31 6.58 -12.94 -27.60
N TRP A 32 5.44 -13.55 -27.35
CA TRP A 32 5.02 -13.86 -26.00
C TRP A 32 6.03 -14.86 -25.42
N GLN A 33 6.31 -15.91 -26.18
CA GLN A 33 7.20 -16.97 -25.77
C GLN A 33 8.64 -16.51 -25.59
N LEU A 34 9.09 -15.65 -26.49
CA LEU A 34 10.49 -15.19 -26.47
C LEU A 34 10.80 -14.05 -25.46
N LYS A 35 9.87 -13.14 -25.24
CA LYS A 35 10.19 -11.92 -24.51
C LYS A 35 9.35 -11.67 -23.25
N TYR A 36 8.31 -12.49 -23.03
CA TYR A 36 7.43 -12.39 -21.85
C TYR A 36 6.95 -13.79 -21.47
N PRO A 37 7.85 -14.78 -21.42
CA PRO A 37 7.41 -16.12 -21.01
C PRO A 37 7.02 -16.29 -19.52
N LYS A 38 7.26 -15.31 -18.64
CA LYS A 38 6.83 -15.45 -17.23
C LYS A 38 5.47 -14.81 -16.98
N LEU A 39 4.86 -14.37 -18.07
CA LEU A 39 3.48 -13.93 -18.04
C LEU A 39 2.58 -15.09 -18.44
N ILE A 40 1.65 -15.46 -17.56
CA ILE A 40 0.77 -16.56 -17.83
C ILE A 40 -0.68 -16.12 -17.86
N LEU A 41 -1.47 -16.75 -18.71
CA LEU A 41 -2.87 -16.42 -18.87
C LEU A 41 -3.69 -17.69 -18.67
N ARG A 42 -4.77 -17.57 -17.91
CA ARG A 42 -5.73 -18.66 -17.76
C ARG A 42 -7.12 -18.11 -18.07
N GLU A 43 -7.62 -18.48 -19.23
CA GLU A 43 -8.91 -17.96 -19.71
C GLU A 43 -10.06 -18.28 -18.75
N ALA A 44 -11.13 -17.50 -18.85
CA ALA A 44 -12.26 -17.67 -17.93
C ALA A 44 -12.73 -19.12 -17.89
N SER A 45 -12.52 -19.83 -19.00
CA SER A 45 -12.95 -21.22 -19.15
C SER A 45 -12.40 -22.16 -18.09
N SER A 46 -11.19 -21.88 -17.59
CA SER A 46 -10.57 -22.80 -16.65
C SER A 46 -10.97 -22.53 -15.19
N VAL A 47 -11.90 -21.61 -14.98
CA VAL A 47 -12.41 -21.40 -13.61
C VAL A 47 -13.87 -21.85 -13.54
N SER A 48 -14.18 -22.67 -12.55
CA SER A 48 -15.53 -23.20 -12.40
C SER A 48 -16.53 -22.06 -12.41
N GLU A 49 -17.70 -22.29 -12.98
CA GLU A 49 -18.71 -21.24 -13.08
C GLU A 49 -19.23 -20.85 -11.70
N GLU A 50 -19.13 -21.76 -10.74
CA GLU A 50 -19.67 -21.51 -9.41
C GLU A 50 -18.80 -20.45 -8.76
N LEU A 51 -17.50 -20.63 -8.87
CA LEU A 51 -16.56 -19.65 -8.36
C LEU A 51 -16.71 -18.30 -9.07
N HIS A 52 -16.96 -18.33 -10.37
CA HIS A 52 -17.20 -17.09 -11.14
C HIS A 52 -18.37 -16.34 -10.54
N LYS A 53 -19.44 -17.06 -10.26
CA LYS A 53 -20.68 -16.46 -9.73
C LYS A 53 -20.42 -15.82 -8.37
N GLU A 54 -19.82 -16.56 -7.45
CA GLU A 54 -19.58 -16.04 -6.10
C GLU A 54 -18.68 -14.78 -6.13
N VAL A 55 -17.64 -14.81 -6.97
CA VAL A 55 -16.67 -13.72 -7.04
C VAL A 55 -17.27 -12.47 -7.66
N GLN A 56 -18.09 -12.62 -8.68
CA GLN A 56 -18.68 -11.46 -9.34
C GLN A 56 -19.78 -10.82 -8.50
N GLU A 57 -20.58 -11.65 -7.82
CA GLU A 57 -21.56 -11.16 -6.83
C GLU A 57 -20.85 -10.42 -5.70
N ALA A 58 -19.67 -10.90 -5.28
CA ALA A 58 -18.90 -10.24 -4.22
C ALA A 58 -18.35 -8.89 -4.67
N PHE A 59 -17.90 -8.79 -5.92
CA PHE A 59 -17.55 -7.49 -6.50
C PHE A 59 -18.76 -6.53 -6.38
N LEU A 60 -19.87 -6.90 -7.02
CA LEU A 60 -21.07 -6.05 -7.02
C LEU A 60 -21.58 -5.76 -5.60
N THR A 61 -21.37 -6.70 -4.68
CA THR A 61 -21.84 -6.50 -3.32
C THR A 61 -21.04 -5.38 -2.68
N LEU A 62 -19.71 -5.44 -2.83
CA LEU A 62 -18.83 -4.43 -2.24
C LEU A 62 -19.01 -3.08 -2.95
N HIS A 63 -19.41 -3.10 -4.20
CA HIS A 63 -19.68 -1.86 -4.92
C HIS A 63 -20.96 -1.16 -4.43
N LYS A 64 -22.03 -1.93 -4.22
CA LYS A 64 -23.30 -1.35 -3.81
C LYS A 64 -23.20 -0.75 -2.41
N HIS A 65 -22.42 -1.40 -1.54
CA HIS A 65 -22.18 -0.92 -0.17
C HIS A 65 -21.19 0.24 -0.10
N GLY A 66 -20.65 0.66 -1.25
CA GLY A 66 -19.77 1.82 -1.32
C GLY A 66 -18.41 1.61 -0.71
N CYS A 67 -17.88 0.40 -0.82
CA CYS A 67 -16.64 0.04 -0.15
C CYS A 67 -15.36 0.36 -0.93
N LEU A 68 -15.50 0.82 -2.17
CA LEU A 68 -14.32 1.11 -2.99
C LEU A 68 -14.07 2.63 -3.08
N PHE A 69 -12.82 3.02 -2.91
CA PHE A 69 -12.47 4.42 -2.79
C PHE A 69 -11.30 4.79 -3.68
N ARG A 70 -11.38 5.99 -4.25
CA ARG A 70 -10.26 6.59 -4.92
C ARG A 70 -9.28 7.12 -3.85
N ASP A 71 -8.02 6.75 -3.99
CA ASP A 71 -6.98 7.16 -3.06
C ASP A 71 -6.39 8.50 -3.46
N LEU A 72 -6.24 9.38 -2.46
CA LEU A 72 -5.53 10.63 -2.58
C LEU A 72 -4.03 10.36 -2.36
N VAL A 73 -3.40 9.98 -3.46
CA VAL A 73 -2.07 9.44 -3.53
C VAL A 73 -1.06 10.57 -3.78
N ARG A 74 0.22 10.22 -3.85
CA ARG A 74 1.25 11.23 -4.12
C ARG A 74 2.27 10.71 -5.12
N ILE A 75 2.62 11.56 -6.09
CA ILE A 75 3.48 11.13 -7.19
C ILE A 75 4.29 12.33 -7.71
N GLN A 76 5.61 12.13 -7.78
CA GLN A 76 6.54 13.20 -8.10
C GLN A 76 6.20 14.48 -7.38
N GLY A 77 5.75 14.36 -6.13
CA GLY A 77 5.51 15.53 -5.28
C GLY A 77 4.17 16.22 -5.52
N LYS A 78 3.22 15.52 -6.13
CA LYS A 78 1.92 16.08 -6.46
C LYS A 78 0.78 15.25 -5.87
N ASP A 79 -0.20 15.92 -5.24
CA ASP A 79 -1.42 15.27 -4.74
C ASP A 79 -2.38 14.92 -5.89
N LEU A 80 -2.71 13.63 -6.00
CA LEU A 80 -3.49 13.14 -7.12
C LEU A 80 -4.51 12.10 -6.73
N LEU A 81 -5.77 12.35 -7.05
CA LEU A 81 -6.81 11.37 -6.87
C LEU A 81 -6.72 10.32 -7.97
N THR A 82 -6.76 9.05 -7.62
CA THR A 82 -6.73 7.99 -8.62
C THR A 82 -8.09 7.84 -9.30
N PRO A 83 -8.10 7.65 -10.64
CA PRO A 83 -9.33 7.44 -11.40
C PRO A 83 -10.05 6.17 -10.99
N VAL A 84 -9.28 5.22 -10.48
CA VAL A 84 -9.71 3.89 -10.17
C VAL A 84 -10.10 3.86 -8.71
N SER A 85 -11.15 3.11 -8.37
CA SER A 85 -11.50 2.93 -6.96
C SER A 85 -10.94 1.62 -6.47
N ARG A 86 -10.61 1.57 -5.18
CA ARG A 86 -9.88 0.44 -4.64
C ARG A 86 -10.33 0.04 -3.24
N ILE A 87 -10.12 -1.22 -2.90
CA ILE A 87 -10.22 -1.66 -1.52
C ILE A 87 -9.15 -2.70 -1.29
N LEU A 88 -8.50 -2.68 -0.14
CA LEU A 88 -7.57 -3.73 0.22
C LEU A 88 -8.22 -4.71 1.17
N ILE A 89 -8.28 -5.98 0.75
CA ILE A 89 -8.80 -7.07 1.56
C ILE A 89 -7.66 -8.05 1.84
N GLY A 90 -7.51 -8.53 3.07
CA GLY A 90 -6.47 -9.51 3.32
C GLY A 90 -6.29 -9.89 4.78
N ASN A 91 -5.15 -10.50 5.06
CA ASN A 91 -4.83 -10.89 6.41
C ASN A 91 -5.08 -9.77 7.40
N PRO A 92 -5.68 -10.11 8.55
CA PRO A 92 -5.85 -9.14 9.63
C PRO A 92 -4.52 -8.56 10.07
N GLY A 93 -4.47 -7.23 10.19
CA GLY A 93 -3.31 -6.56 10.75
C GLY A 93 -2.29 -6.16 9.71
N CYS A 94 -2.47 -6.64 8.47
CA CYS A 94 -1.52 -6.42 7.39
C CYS A 94 -1.80 -5.14 6.59
N THR A 95 -0.73 -4.49 6.12
CA THR A 95 -0.85 -3.29 5.32
C THR A 95 -0.07 -3.44 4.02
N TYR A 96 -0.40 -2.59 3.05
CA TYR A 96 0.26 -2.57 1.75
C TYR A 96 0.46 -1.13 1.36
N LYS A 97 1.69 -0.72 1.22
CA LYS A 97 1.96 0.67 0.90
C LYS A 97 2.30 0.85 -0.58
N TYR A 98 1.59 1.76 -1.25
CA TYR A 98 2.01 2.19 -2.58
C TYR A 98 1.80 3.70 -2.74
N LEU A 99 2.64 4.31 -3.55
CA LEU A 99 2.55 5.75 -3.84
C LEU A 99 2.36 6.58 -2.55
N ASN A 100 3.01 6.13 -1.47
CA ASN A 100 3.10 6.89 -0.22
C ASN A 100 1.84 6.81 0.59
N THR A 101 1.05 5.77 0.35
CA THR A 101 -0.26 5.67 0.94
C THR A 101 -0.39 4.25 1.43
N ARG A 102 -0.50 4.09 2.75
CA ARG A 102 -0.56 2.77 3.33
C ARG A 102 -2.01 2.41 3.45
N LEU A 103 -2.42 1.40 2.69
CA LEU A 103 -3.76 0.85 2.78
C LEU A 103 -3.74 -0.20 3.89
N PHE A 104 -4.78 -0.20 4.71
CA PHE A 104 -4.94 -1.14 5.79
C PHE A 104 -5.92 -2.21 5.33
N THR A 105 -5.68 -3.49 5.65
CA THR A 105 -6.62 -4.51 5.16
C THR A 105 -8.00 -4.44 5.80
N VAL A 106 -9.03 -4.56 4.98
CA VAL A 106 -10.28 -5.10 5.43
C VAL A 106 -10.03 -6.60 5.60
N PRO A 107 -10.19 -7.12 6.83
CA PRO A 107 -9.73 -8.48 7.12
C PRO A 107 -10.56 -9.56 6.43
N TRP A 108 -9.92 -10.65 5.99
CA TRP A 108 -10.66 -11.82 5.55
C TRP A 108 -10.44 -12.98 6.54
N PRO A 109 -11.35 -13.97 6.53
CA PRO A 109 -11.41 -15.00 7.58
C PRO A 109 -10.24 -15.98 7.64
N VAL A 110 -9.01 -15.48 7.64
CA VAL A 110 -7.86 -16.35 7.90
C VAL A 110 -8.12 -17.10 9.22
N LYS A 111 -7.64 -18.35 9.29
CA LYS A 111 -7.81 -19.22 10.46
C LYS A 111 -7.64 -18.47 11.79
N GLY A 112 -8.32 -18.96 12.84
CA GLY A 112 -8.26 -18.35 14.15
C GLY A 112 -8.49 -16.85 14.14
N SER A 113 -9.43 -16.41 13.31
CA SER A 113 -9.70 -14.99 13.14
C SER A 113 -10.84 -14.52 14.05
N ASN A 114 -10.84 -13.22 14.32
CA ASN A 114 -11.88 -12.59 15.12
C ASN A 114 -12.96 -11.99 14.22
N ILE A 115 -14.19 -12.48 14.37
CA ILE A 115 -15.32 -11.96 13.60
C ILE A 115 -15.71 -10.56 14.06
N LYS A 116 -14.93 -9.56 13.64
CA LYS A 116 -15.24 -8.17 13.92
C LYS A 116 -16.42 -7.75 13.06
N HIS A 117 -17.48 -7.26 13.70
CA HIS A 117 -18.70 -6.87 12.99
C HIS A 117 -18.40 -6.18 11.64
N THR A 118 -19.24 -6.45 10.65
CA THR A 118 -19.18 -5.78 9.35
C THR A 118 -20.59 -5.87 8.76
N GLU A 119 -20.88 -5.09 7.71
CA GLU A 119 -22.17 -5.22 7.04
C GLU A 119 -22.38 -6.67 6.66
N ALA A 120 -23.64 -7.08 6.51
CA ALA A 120 -23.96 -8.48 6.34
C ALA A 120 -23.15 -9.15 5.23
N GLU A 121 -23.42 -8.74 4.00
CA GLU A 121 -22.80 -9.38 2.85
C GLU A 121 -21.31 -9.05 2.77
N ILE A 122 -20.89 -7.94 3.36
CA ILE A 122 -19.50 -7.51 3.26
C ILE A 122 -18.53 -8.59 3.73
N ALA A 123 -18.81 -9.16 4.90
CA ALA A 123 -18.01 -10.26 5.43
C ALA A 123 -18.01 -11.46 4.49
N ALA A 124 -19.15 -11.72 3.85
CA ALA A 124 -19.29 -12.82 2.90
C ALA A 124 -18.53 -12.58 1.59
N ALA A 125 -18.32 -11.30 1.24
CA ALA A 125 -17.54 -10.92 0.07
C ALA A 125 -16.04 -11.11 0.36
N CYS A 126 -15.64 -10.71 1.56
CA CYS A 126 -14.27 -10.91 2.01
CA CYS A 126 -14.29 -10.90 2.02
C CYS A 126 -13.93 -12.39 2.09
N GLU A 127 -14.90 -13.19 2.53
CA GLU A 127 -14.77 -14.64 2.63
C GLU A 127 -14.56 -15.20 1.23
N THR A 128 -15.37 -14.67 0.30
CA THR A 128 -15.26 -15.03 -1.11
C THR A 128 -13.84 -14.76 -1.72
N PHE A 129 -13.30 -13.57 -1.54
CA PHE A 129 -11.98 -13.26 -2.11
C PHE A 129 -10.87 -14.01 -1.40
N LEU A 130 -11.12 -14.43 -0.16
CA LEU A 130 -10.24 -15.40 0.44
C LEU A 130 -10.28 -16.68 -0.39
N LYS A 131 -11.47 -17.15 -0.73
CA LYS A 131 -11.63 -18.37 -1.53
C LYS A 131 -10.88 -18.28 -2.90
N LEU A 132 -11.14 -17.20 -3.63
CA LEU A 132 -10.40 -16.91 -4.84
C LEU A 132 -8.90 -16.93 -4.56
N ASN A 133 -8.48 -16.41 -3.40
CA ASN A 133 -7.05 -16.40 -3.02
C ASN A 133 -6.45 -17.81 -2.95
N ASP A 134 -7.08 -18.68 -2.18
CA ASP A 134 -6.70 -20.07 -2.13
C ASP A 134 -6.53 -20.66 -3.53
N TYR A 135 -7.52 -20.38 -4.40
CA TYR A 135 -7.55 -20.98 -5.73
C TYR A 135 -6.37 -20.54 -6.59
N LEU A 136 -6.16 -19.24 -6.65
CA LEU A 136 -5.15 -18.64 -7.49
C LEU A 136 -3.77 -19.07 -6.97
N GLN A 137 -3.69 -19.27 -5.66
CA GLN A 137 -2.46 -19.68 -5.02
C GLN A 137 -2.08 -21.07 -5.50
N ILE A 138 -3.03 -22.00 -5.45
CA ILE A 138 -2.85 -23.31 -6.07
C ILE A 138 -2.39 -23.20 -7.54
N GLU A 139 -3.07 -22.40 -8.35
CA GLU A 139 -2.70 -22.24 -9.74
C GLU A 139 -1.28 -21.68 -9.90
N THR A 140 -0.89 -20.77 -9.01
CA THR A 140 0.37 -20.04 -9.18
C THR A 140 1.51 -21.00 -8.94
N ILE A 141 1.36 -21.78 -7.87
CA ILE A 141 2.30 -22.81 -7.48
C ILE A 141 2.44 -23.82 -8.60
N GLN A 142 1.32 -24.21 -9.21
CA GLN A 142 1.37 -25.14 -10.32
C GLN A 142 2.17 -24.55 -11.46
N ALA A 143 2.01 -23.25 -11.72
CA ALA A 143 2.64 -22.63 -12.87
C ALA A 143 4.14 -22.39 -12.66
N LEU A 144 4.53 -22.10 -11.44
CA LEU A 144 5.94 -21.88 -11.12
C LEU A 144 6.62 -23.24 -11.15
N GLU A 145 5.88 -24.28 -10.77
CA GLU A 145 6.40 -25.64 -10.87
C GLU A 145 6.74 -25.94 -12.34
N GLU A 146 5.75 -25.78 -13.21
CA GLU A 146 5.95 -25.98 -14.64
C GLU A 146 7.11 -25.13 -15.19
N LEU A 147 7.21 -23.89 -14.72
CA LEU A 147 8.20 -22.93 -15.21
C LEU A 147 9.62 -23.42 -14.94
N ALA A 148 9.83 -23.91 -13.72
CA ALA A 148 11.11 -24.51 -13.32
C ALA A 148 11.44 -25.79 -14.10
N ALA A 149 10.44 -26.62 -14.37
CA ALA A 149 10.63 -27.80 -15.21
C ALA A 149 11.21 -27.44 -16.57
N LYS A 150 10.64 -26.43 -17.23
CA LYS A 150 11.24 -25.92 -18.46
C LYS A 150 12.71 -25.51 -18.20
N GLU A 151 12.92 -24.72 -17.15
CA GLU A 151 14.26 -24.26 -16.79
C GLU A 151 15.31 -25.38 -16.71
N LYS A 152 14.97 -26.48 -16.06
CA LYS A 152 15.92 -27.56 -15.81
C LYS A 152 16.11 -28.41 -17.06
N ALA A 153 15.05 -28.51 -17.86
CA ALA A 153 15.09 -29.26 -19.12
C ALA A 153 16.12 -28.67 -20.08
N ASN A 154 15.95 -27.39 -20.40
CA ASN A 154 16.84 -26.75 -21.38
C ASN A 154 18.25 -26.50 -20.84
N GLU A 155 18.35 -26.01 -19.61
CA GLU A 155 19.63 -25.66 -19.01
C GLU A 155 19.77 -26.25 -17.61
N ASP A 179 14.29 -23.72 -4.32
CA ASP A 179 13.64 -24.71 -3.46
C ASP A 179 12.11 -24.66 -3.65
N GLU A 180 11.41 -25.68 -3.16
CA GLU A 180 9.94 -25.70 -3.21
C GLU A 180 9.36 -24.79 -2.11
N VAL A 181 10.20 -24.40 -1.16
CA VAL A 181 9.80 -23.44 -0.13
C VAL A 181 9.79 -22.05 -0.76
N ASP A 182 10.75 -21.80 -1.64
CA ASP A 182 10.76 -20.55 -2.39
C ASP A 182 9.46 -20.40 -3.20
N ILE A 183 9.01 -21.47 -3.85
CA ILE A 183 7.76 -21.44 -4.58
C ILE A 183 6.55 -21.16 -3.65
N LYS A 184 6.38 -21.97 -2.61
CA LYS A 184 5.29 -21.78 -1.68
C LYS A 184 5.21 -20.32 -1.18
N SER A 185 6.35 -19.73 -0.86
CA SER A 185 6.34 -18.38 -0.30
C SER A 185 6.17 -17.27 -1.32
N ARG A 186 6.61 -17.50 -2.56
CA ARG A 186 6.42 -16.52 -3.62
C ARG A 186 5.00 -16.54 -4.12
N ALA A 187 4.22 -17.55 -3.70
CA ALA A 187 2.79 -17.63 -4.05
C ALA A 187 1.85 -17.38 -2.85
N ALA A 188 2.41 -17.07 -1.69
CA ALA A 188 1.64 -16.98 -0.45
C ALA A 188 0.93 -15.63 -0.32
N TYR A 189 -0.05 -15.40 -1.20
CA TYR A 189 -0.75 -14.11 -1.25
C TYR A 189 -1.36 -13.79 0.11
N ASN A 190 -0.95 -12.67 0.70
CA ASN A 190 -1.53 -12.20 1.97
C ASN A 190 -2.58 -11.09 1.81
N VAL A 191 -2.72 -10.56 0.60
CA VAL A 191 -3.69 -9.49 0.33
C VAL A 191 -4.13 -9.54 -1.15
N THR A 192 -5.29 -8.95 -1.42
CA THR A 192 -5.70 -8.61 -2.76
C THR A 192 -6.12 -7.16 -2.75
N LEU A 193 -5.84 -6.48 -3.85
CA LEU A 193 -6.22 -5.08 -4.00
C LEU A 193 -7.22 -5.10 -5.15
N LEU A 194 -8.47 -4.81 -4.80
CA LEU A 194 -9.58 -4.76 -5.72
C LEU A 194 -9.68 -3.38 -6.33
N ASN A 195 -9.95 -3.34 -7.64
CA ASN A 195 -10.05 -2.10 -8.40
C ASN A 195 -11.36 -2.07 -9.16
N PHE A 196 -11.95 -0.90 -9.28
CA PHE A 196 -13.14 -0.71 -10.11
C PHE A 196 -12.95 0.54 -10.94
N MET A 197 -13.22 0.46 -12.25
CA MET A 197 -13.46 1.69 -13.00
C MET A 197 -14.63 1.60 -13.96
N ASP A 198 -15.36 2.69 -14.02
CA ASP A 198 -16.41 2.89 -15.00
C ASP A 198 -15.86 3.95 -15.94
N PRO A 199 -15.56 3.57 -17.19
CA PRO A 199 -14.99 4.57 -18.11
C PRO A 199 -16.03 5.61 -18.52
N GLN A 200 -17.30 5.28 -18.33
CA GLN A 200 -18.38 6.21 -18.61
C GLN A 200 -18.36 7.36 -17.60
N LYS A 201 -18.54 7.04 -16.32
CA LYS A 201 -18.59 8.05 -15.27
C LYS A 201 -17.19 8.48 -14.85
N MET A 202 -16.18 7.99 -15.55
CA MET A 202 -14.78 8.44 -15.34
C MET A 202 -14.03 8.48 -16.69
N PRO A 203 -14.36 9.47 -17.53
CA PRO A 203 -13.85 9.58 -18.91
C PRO A 203 -12.54 10.35 -19.02
N TYR A 204 -11.82 10.53 -17.92
CA TYR A 204 -10.59 11.34 -17.94
C TYR A 204 -9.38 10.43 -17.95
N LEU A 205 -9.09 9.89 -19.13
CA LEU A 205 -8.07 8.86 -19.28
C LEU A 205 -6.97 9.27 -20.25
N LYS A 206 -5.73 9.05 -19.81
CA LYS A 206 -4.54 9.39 -20.58
C LYS A 206 -4.32 8.41 -21.76
N GLU A 207 -3.76 8.90 -22.85
CA GLU A 207 -3.38 8.02 -23.95
C GLU A 207 -1.98 7.36 -23.74
N GLU A 208 -1.87 6.10 -24.12
CA GLU A 208 -0.62 5.36 -24.06
C GLU A 208 0.45 5.96 -24.99
N PRO A 209 1.59 6.39 -24.43
CA PRO A 209 2.51 7.26 -25.18
C PRO A 209 3.57 6.58 -26.07
N TYR A 210 3.74 5.26 -26.03
CA TYR A 210 4.89 4.62 -26.71
C TYR A 210 4.52 3.67 -27.84
N PHE A 211 3.37 3.01 -27.75
CA PHE A 211 3.07 1.86 -28.60
C PHE A 211 1.73 1.98 -29.33
N GLY A 212 1.01 3.07 -29.11
CA GLY A 212 -0.33 3.25 -29.64
C GLY A 212 -1.42 2.35 -29.07
N MET A 213 -1.38 2.08 -27.77
CA MET A 213 -2.34 1.17 -27.15
C MET A 213 -3.66 1.85 -26.73
N GLY A 214 -3.70 3.17 -26.82
CA GLY A 214 -4.92 3.89 -26.57
C GLY A 214 -5.06 4.23 -25.10
N LYS A 215 -6.28 4.19 -24.60
CA LYS A 215 -6.61 4.80 -23.32
C LYS A 215 -6.18 3.96 -22.13
N MET A 216 -5.59 4.61 -21.13
CA MET A 216 -5.06 3.91 -19.98
C MET A 216 -5.91 4.20 -18.75
N ALA A 217 -6.26 3.14 -18.02
CA ALA A 217 -6.89 3.27 -16.72
C ALA A 217 -5.80 3.43 -15.66
N VAL A 218 -4.71 2.69 -15.87
CA VAL A 218 -3.50 2.74 -15.04
C VAL A 218 -2.28 2.85 -15.96
N SER A 219 -1.46 3.88 -15.75
CA SER A 219 -0.28 4.08 -16.60
CA SER A 219 -0.29 4.09 -16.61
C SER A 219 0.82 3.04 -16.37
N TRP A 220 1.89 3.08 -17.16
CA TRP A 220 2.99 2.10 -17.01
C TRP A 220 3.65 2.17 -15.61
N HIS A 221 3.79 1.01 -14.96
CA HIS A 221 4.35 0.95 -13.61
C HIS A 221 4.83 -0.46 -13.28
N HIS A 222 5.60 -0.59 -12.21
CA HIS A 222 5.90 -1.88 -11.54
C HIS A 222 5.02 -1.92 -10.30
N ASP A 223 4.53 -3.10 -9.90
CA ASP A 223 3.89 -3.17 -8.57
C ASP A 223 4.96 -3.07 -7.47
N GLU A 224 4.84 -2.07 -6.60
CA GLU A 224 5.80 -1.83 -5.54
C GLU A 224 5.57 -2.70 -4.32
N ASN A 225 6.59 -2.70 -3.46
CA ASN A 225 6.57 -3.29 -2.12
C ASN A 225 6.02 -4.70 -2.03
N LEU A 226 6.48 -5.56 -2.93
CA LEU A 226 6.13 -6.96 -2.94
C LEU A 226 7.34 -7.72 -2.53
N VAL A 227 7.13 -8.94 -2.06
CA VAL A 227 8.26 -9.77 -1.71
C VAL A 227 9.04 -10.03 -2.99
N ASP A 228 10.36 -10.13 -2.86
CA ASP A 228 11.24 -10.29 -4.00
C ASP A 228 10.86 -11.53 -4.78
N ARG A 229 10.73 -11.36 -6.09
CA ARG A 229 10.43 -12.47 -6.99
C ARG A 229 9.07 -13.10 -6.74
N SER A 230 8.19 -12.40 -6.03
CA SER A 230 6.86 -12.95 -5.76
C SER A 230 5.95 -12.74 -6.93
N ALA A 231 5.02 -13.67 -7.05
CA ALA A 231 4.11 -13.69 -8.15
C ALA A 231 3.00 -12.75 -7.82
N VAL A 232 2.26 -12.36 -8.85
CA VAL A 232 1.00 -11.63 -8.71
C VAL A 232 -0.06 -12.31 -9.57
N ALA A 233 -1.30 -12.38 -9.08
CA ALA A 233 -2.38 -13.01 -9.83
C ALA A 233 -3.58 -12.08 -9.93
N VAL A 234 -4.14 -11.94 -11.12
CA VAL A 234 -5.20 -10.98 -11.34
C VAL A 234 -6.41 -11.67 -11.94
N TYR A 235 -7.52 -11.64 -11.22
CA TYR A 235 -8.80 -12.06 -11.75
C TYR A 235 -9.44 -10.83 -12.37
N SER A 236 -9.82 -10.92 -13.65
CA SER A 236 -10.38 -9.75 -14.35
C SER A 236 -11.85 -9.93 -14.68
N TYR A 237 -12.62 -8.86 -14.49
CA TYR A 237 -14.06 -8.92 -14.59
C TYR A 237 -14.55 -7.72 -15.35
N SER A 238 -14.72 -7.87 -16.66
CA SER A 238 -15.38 -6.86 -17.44
C SER A 238 -16.89 -7.08 -17.33
N CYS A 239 -17.62 -5.99 -17.17
CA CYS A 239 -19.06 -6.08 -17.27
C CYS A 239 -19.39 -6.06 -18.77
N GLU A 240 -20.28 -6.94 -19.19
CA GLU A 240 -20.65 -7.07 -20.61
C GLU A 240 -19.43 -7.02 -21.54
N LEU A 252 -9.50 -3.73 -38.90
CA LEU A 252 -9.20 -2.81 -37.81
C LEU A 252 -7.75 -2.93 -37.36
N GLU A 253 -7.11 -1.78 -37.11
CA GLU A 253 -5.69 -1.75 -36.79
C GLU A 253 -5.43 -1.71 -35.29
N GLY A 254 -4.68 -2.69 -34.79
CA GLY A 254 -4.25 -2.66 -33.40
C GLY A 254 -5.34 -3.09 -32.43
N ARG A 255 -5.19 -2.74 -31.15
CA ARG A 255 -6.05 -3.31 -30.10
C ARG A 255 -7.48 -2.72 -30.20
N ASP A 256 -8.45 -3.56 -29.85
CA ASP A 256 -9.86 -3.22 -29.81
C ASP A 256 -10.14 -2.29 -28.64
N PRO A 257 -10.56 -1.04 -28.92
CA PRO A 257 -10.67 -0.03 -27.87
C PRO A 257 -11.80 -0.29 -26.89
N ASP A 258 -12.81 -1.04 -27.31
CA ASP A 258 -13.96 -1.35 -26.45
C ASP A 258 -13.66 -2.44 -25.39
N ILE A 259 -12.62 -3.24 -25.61
CA ILE A 259 -12.32 -4.33 -24.69
C ILE A 259 -11.15 -3.97 -23.80
N TRP A 260 -11.21 -4.42 -22.55
CA TRP A 260 -10.13 -4.14 -21.59
C TRP A 260 -8.91 -5.02 -21.86
N HIS A 261 -7.74 -4.41 -21.75
CA HIS A 261 -6.50 -5.15 -21.89
C HIS A 261 -5.54 -4.88 -20.73
N VAL A 262 -4.59 -5.78 -20.51
CA VAL A 262 -3.43 -5.45 -19.70
C VAL A 262 -2.23 -5.32 -20.66
N GLY A 263 -1.46 -4.24 -20.56
CA GLY A 263 -0.32 -4.05 -21.45
C GLY A 263 0.97 -4.43 -20.74
N PHE A 264 1.96 -4.87 -21.50
CA PHE A 264 3.26 -5.23 -20.97
C PHE A 264 4.35 -4.71 -21.88
N LYS A 265 5.41 -4.19 -21.28
CA LYS A 265 6.60 -3.78 -22.01
C LYS A 265 7.83 -4.20 -21.20
N ILE A 266 8.99 -4.26 -21.85
CA ILE A 266 10.24 -4.45 -21.15
C ILE A 266 10.67 -3.12 -20.54
N SER A 267 11.28 -3.16 -19.36
CA SER A 267 11.73 -1.93 -18.72
C SER A 267 12.73 -1.22 -19.58
N TRP A 268 12.68 0.11 -19.60
CA TRP A 268 13.67 0.92 -20.30
C TRP A 268 13.52 0.89 -21.83
N ASP A 269 12.56 0.11 -22.32
CA ASP A 269 12.56 -0.34 -23.70
C ASP A 269 11.21 -0.08 -24.39
N ILE A 270 11.21 0.89 -25.30
CA ILE A 270 10.03 1.13 -26.12
C ILE A 270 10.23 0.72 -27.59
N GLU A 271 11.29 -0.01 -27.86
CA GLU A 271 11.59 -0.51 -29.20
C GLU A 271 11.01 -1.91 -29.38
N THR A 272 11.30 -2.82 -28.46
CA THR A 272 10.64 -4.10 -28.43
C THR A 272 9.12 -3.86 -28.32
N PRO A 273 8.34 -4.45 -29.25
CA PRO A 273 6.91 -4.14 -29.22
C PRO A 273 6.24 -4.62 -27.93
N GLY A 274 5.31 -3.83 -27.42
CA GLY A 274 4.59 -4.20 -26.21
C GLY A 274 3.49 -5.19 -26.52
N LEU A 275 3.13 -6.01 -25.55
CA LEU A 275 1.98 -6.88 -25.69
C LEU A 275 0.75 -6.24 -25.06
N ALA A 276 -0.35 -6.22 -25.82
CA ALA A 276 -1.65 -5.82 -25.30
C ALA A 276 -2.54 -7.05 -25.23
N ILE A 277 -2.74 -7.57 -24.02
CA ILE A 277 -3.55 -8.75 -23.79
C ILE A 277 -5.03 -8.44 -23.52
N PRO A 278 -5.95 -8.99 -24.35
CA PRO A 278 -7.39 -8.83 -24.15
C PRO A 278 -7.92 -9.57 -22.92
N LEU A 279 -8.74 -8.88 -22.12
CA LEU A 279 -9.34 -9.46 -20.94
C LEU A 279 -10.86 -9.41 -21.03
N HIS A 280 -11.50 -10.53 -20.74
CA HIS A 280 -12.95 -10.56 -20.76
C HIS A 280 -13.45 -10.89 -19.36
N GLN A 281 -14.65 -11.44 -19.31
CA GLN A 281 -15.31 -11.73 -18.06
C GLN A 281 -14.73 -12.96 -17.39
N GLY A 282 -13.86 -12.73 -16.41
CA GLY A 282 -13.29 -13.80 -15.60
C GLY A 282 -11.98 -14.39 -16.12
N ASP A 283 -11.25 -13.65 -16.94
CA ASP A 283 -9.92 -14.11 -17.36
C ASP A 283 -8.94 -13.80 -16.22
N CYS A 284 -7.94 -14.66 -16.06
CA CYS A 284 -6.91 -14.48 -15.03
C CYS A 284 -5.54 -14.41 -15.69
N TYR A 285 -4.70 -13.47 -15.25
CA TYR A 285 -3.31 -13.47 -15.69
C TYR A 285 -2.39 -13.54 -14.47
N PHE A 286 -1.12 -13.92 -14.67
CA PHE A 286 -0.19 -14.18 -13.57
C PHE A 286 1.17 -13.63 -13.94
N MET A 287 1.71 -12.75 -13.12
CA MET A 287 3.09 -12.32 -13.29
C MET A 287 3.96 -13.19 -12.39
N LEU A 288 4.81 -14.01 -13.00
CA LEU A 288 5.66 -14.94 -12.28
C LEU A 288 7.09 -14.44 -12.13
N ASP A 289 7.69 -14.81 -10.98
CA ASP A 289 9.11 -14.63 -10.74
C ASP A 289 9.54 -13.17 -10.91
N ASP A 290 10.56 -12.92 -11.73
CA ASP A 290 11.05 -11.56 -11.90
C ASP A 290 10.27 -10.69 -12.93
N LEU A 291 9.16 -11.21 -13.46
CA LEU A 291 8.37 -10.42 -14.41
C LEU A 291 8.08 -9.00 -13.95
N ASN A 292 7.61 -8.84 -12.72
CA ASN A 292 7.19 -7.52 -12.24
C ASN A 292 8.37 -6.58 -12.11
N ALA A 293 9.57 -7.14 -12.04
CA ALA A 293 10.76 -6.32 -11.85
C ALA A 293 11.36 -5.99 -13.22
N THR A 294 11.32 -6.94 -14.14
CA THR A 294 11.96 -6.74 -15.45
C THR A 294 11.08 -6.04 -16.47
N HIS A 295 9.76 -6.03 -16.22
CA HIS A 295 8.80 -5.47 -17.16
C HIS A 295 7.93 -4.48 -16.44
N GLN A 296 7.23 -3.66 -17.21
CA GLN A 296 6.16 -2.81 -16.68
C GLN A 296 4.84 -3.29 -17.21
N HIS A 297 3.77 -2.94 -16.50
CA HIS A 297 2.46 -3.20 -17.05
C HIS A 297 1.58 -1.97 -16.90
N CYS A 298 0.50 -1.97 -17.70
CA CYS A 298 -0.51 -0.94 -17.60
C CYS A 298 -1.82 -1.62 -17.80
N VAL A 299 -2.90 -0.87 -17.67
CA VAL A 299 -4.23 -1.40 -17.87
C VAL A 299 -4.84 -0.46 -18.90
N LEU A 300 -5.27 -1.03 -20.02
CA LEU A 300 -5.90 -0.27 -21.07
C LEU A 300 -7.43 -0.34 -20.91
N ALA A 301 -8.06 0.83 -20.81
CA ALA A 301 -9.52 0.91 -20.62
C ALA A 301 -10.31 0.45 -21.84
N GLY A 302 -11.34 -0.34 -21.58
CA GLY A 302 -12.34 -0.72 -22.57
C GLY A 302 -13.49 0.27 -22.48
N SER A 303 -14.68 -0.13 -22.91
CA SER A 303 -15.82 0.79 -22.91
C SER A 303 -16.75 0.55 -21.72
N GLN A 304 -16.76 -0.67 -21.21
CA GLN A 304 -17.67 -1.02 -20.12
C GLN A 304 -16.97 -0.95 -18.77
N PRO A 305 -17.76 -0.92 -17.68
CA PRO A 305 -17.13 -0.94 -16.36
C PRO A 305 -16.30 -2.21 -16.23
N ARG A 306 -15.42 -2.27 -15.24
CA ARG A 306 -14.65 -3.47 -14.99
C ARG A 306 -14.03 -3.45 -13.59
N PHE A 307 -14.10 -4.60 -12.92
CA PHE A 307 -13.43 -4.86 -11.64
C PHE A 307 -12.21 -5.77 -11.85
N SER A 308 -11.21 -5.67 -10.98
CA SER A 308 -10.18 -6.70 -10.91
C SER A 308 -9.76 -6.96 -9.48
N SER A 309 -9.27 -8.17 -9.24
CA SER A 309 -8.76 -8.59 -7.95
C SER A 309 -7.30 -8.97 -8.12
N THR A 310 -6.40 -8.10 -7.68
CA THR A 310 -4.95 -8.31 -7.81
C THR A 310 -4.29 -8.82 -6.51
N HIS A 311 -4.14 -10.14 -6.44
CA HIS A 311 -3.52 -10.84 -5.33
C HIS A 311 -2.00 -10.77 -5.33
N ARG A 312 -1.46 -10.49 -4.15
CA ARG A 312 -0.05 -10.13 -3.97
C ARG A 312 0.54 -10.64 -2.68
N VAL A 313 1.86 -10.81 -2.69
CA VAL A 313 2.61 -11.07 -1.48
C VAL A 313 3.23 -9.74 -1.06
N ALA A 314 2.49 -8.98 -0.26
CA ALA A 314 2.98 -7.73 0.26
C ALA A 314 4.15 -7.99 1.20
N GLU A 315 5.20 -7.20 1.03
CA GLU A 315 6.37 -7.25 1.86
C GLU A 315 6.06 -6.46 3.13
N CYS A 316 5.59 -7.16 4.16
CA CYS A 316 5.05 -6.48 5.33
C CYS A 316 5.90 -6.66 6.60
N SER A 317 7.20 -6.72 6.45
CA SER A 317 8.07 -6.93 7.61
C SER A 317 8.04 -5.72 8.58
N THR A 318 7.70 -4.54 8.07
CA THR A 318 7.48 -3.33 8.90
C THR A 318 6.06 -2.79 8.67
N GLY A 319 5.20 -3.69 8.22
CA GLY A 319 3.88 -3.30 7.78
C GLY A 319 2.77 -4.13 8.38
N THR A 320 2.98 -4.69 9.56
CA THR A 320 1.84 -5.28 10.29
C THR A 320 1.58 -4.64 11.64
N LEU A 321 0.33 -4.76 12.08
CA LEU A 321 -0.05 -4.32 13.41
C LEU A 321 0.85 -4.94 14.47
N ASP A 322 1.02 -6.27 14.48
CA ASP A 322 1.88 -6.96 15.48
C ASP A 322 3.25 -6.35 15.46
N TYR A 323 3.76 -6.09 14.27
CA TYR A 323 5.07 -5.47 14.15
C TYR A 323 5.16 -4.09 14.78
N ILE A 324 4.21 -3.19 14.49
CA ILE A 324 4.33 -1.83 15.02
C ILE A 324 4.01 -1.81 16.55
N LEU A 325 3.23 -2.79 17.02
CA LEU A 325 2.95 -2.90 18.45
C LEU A 325 4.23 -3.30 19.16
N GLN A 326 4.97 -4.24 18.58
CA GLN A 326 6.23 -4.64 19.17
C GLN A 326 7.23 -3.48 19.19
N ARG A 327 7.27 -2.71 18.12
CA ARG A 327 8.13 -1.53 18.13
C ARG A 327 7.77 -0.54 19.25
N CYS A 328 6.47 -0.32 19.48
CA CYS A 328 6.03 0.59 20.54
C CYS A 328 6.45 0.11 21.93
N GLN A 329 6.21 -1.18 22.20
CA GLN A 329 6.67 -1.83 23.42
C GLN A 329 8.19 -1.65 23.64
N LEU A 330 8.98 -1.78 22.57
CA LEU A 330 10.44 -1.61 22.66
C LEU A 330 10.78 -0.19 23.11
N ALA A 331 10.21 0.79 22.45
CA ALA A 331 10.46 2.17 22.83
C ALA A 331 10.07 2.46 24.29
N LEU A 332 8.96 1.88 24.75
CA LEU A 332 8.42 2.17 26.06
C LEU A 332 9.09 1.38 27.19
N GLN A 333 9.84 0.35 26.83
CA GLN A 333 10.80 -0.24 27.75
C GLN A 333 11.67 0.79 28.44
N ASN A 334 12.00 1.90 27.79
CA ASN A 334 12.81 2.94 28.43
C ASN A 334 12.02 3.78 29.44
N VAL A 335 10.73 3.46 29.61
CA VAL A 335 9.87 4.24 30.52
C VAL A 335 9.51 3.47 31.80
N CYS A 336 9.56 4.12 32.96
CA CYS A 336 9.03 3.51 34.18
CA CYS A 336 9.03 3.52 34.18
C CYS A 336 7.52 3.37 34.05
N ASP A 337 7.06 2.13 34.03
CA ASP A 337 5.67 1.82 33.67
C ASP A 337 4.78 1.31 34.82
N ASP A 338 5.06 1.71 36.04
CA ASP A 338 4.19 1.31 37.16
C ASP A 338 2.75 1.78 36.93
N VAL A 339 2.60 3.04 36.57
CA VAL A 339 1.29 3.64 36.42
C VAL A 339 1.25 4.51 35.16
N ASP A 340 0.08 4.63 34.54
CA ASP A 340 -0.12 5.47 33.36
C ASP A 340 -0.54 6.89 33.74
N ASN A 341 0.42 7.81 33.72
CA ASN A 341 0.13 9.20 34.00
C ASN A 341 1.14 10.11 33.29
N ASP A 342 1.12 11.41 33.63
CA ASP A 342 1.84 12.40 32.85
C ASP A 342 3.28 12.65 33.36
N ASP A 343 3.59 12.14 34.54
CA ASP A 343 4.95 12.24 35.06
C ASP A 343 5.77 11.11 34.47
N VAL A 344 6.08 11.22 33.18
CA VAL A 344 6.85 10.21 32.45
C VAL A 344 8.32 10.28 32.80
N SER A 345 8.87 9.19 33.28
CA SER A 345 10.25 9.20 33.71
C SER A 345 11.00 8.04 33.04
N LEU A 346 12.20 8.36 32.57
CA LEU A 346 12.96 7.49 31.69
C LEU A 346 14.07 6.76 32.45
N LYS A 347 14.30 5.50 32.05
CA LYS A 347 15.25 4.63 32.74
C LYS A 347 16.69 4.98 32.34
N SER A 348 16.87 5.40 31.09
CA SER A 348 18.21 5.77 30.59
C SER A 348 18.22 6.93 29.62
N PHE A 349 19.31 7.67 29.65
CA PHE A 349 19.54 8.68 28.63
C PHE A 349 20.73 8.31 27.75
N GLU A 350 21.00 7.02 27.63
CA GLU A 350 22.06 6.57 26.73
C GLU A 350 21.66 7.00 25.33
N PRO A 351 22.58 7.66 24.59
CA PRO A 351 22.27 8.17 23.25
C PRO A 351 21.51 7.17 22.40
N ALA A 352 21.98 5.94 22.30
CA ALA A 352 21.36 4.96 21.40
C ALA A 352 19.90 4.63 21.72
N VAL A 353 19.54 4.66 23.01
CA VAL A 353 18.20 4.31 23.47
C VAL A 353 17.20 5.43 23.17
N LEU A 354 17.67 6.67 23.30
CA LEU A 354 16.87 7.85 22.99
C LEU A 354 16.62 8.01 21.49
N LYS A 355 17.67 7.75 20.69
CA LYS A 355 17.59 7.79 19.24
C LYS A 355 16.55 6.79 18.80
N GLN A 356 16.71 5.55 19.26
CA GLN A 356 15.75 4.50 18.96
C GLN A 356 14.32 4.88 19.35
N GLY A 357 14.16 5.49 20.52
CA GLY A 357 12.85 5.90 21.00
C GLY A 357 12.16 6.97 20.15
N GLU A 358 12.93 7.96 19.72
CA GLU A 358 12.42 9.05 18.89
C GLU A 358 12.20 8.59 17.45
N GLU A 359 12.90 7.56 17.03
CA GLU A 359 12.66 6.98 15.70
C GLU A 359 11.38 6.17 15.64
N ILE A 360 11.11 5.40 16.70
CA ILE A 360 9.86 4.66 16.84
C ILE A 360 8.68 5.62 16.99
N HIS A 361 8.87 6.69 17.73
CA HIS A 361 7.89 7.77 17.83
C HIS A 361 7.52 8.25 16.44
N ASN A 362 8.53 8.57 15.64
CA ASN A 362 8.26 8.94 14.26
C ASN A 362 7.51 7.87 13.48
N GLU A 363 7.92 6.61 13.60
CA GLU A 363 7.34 5.54 12.77
C GLU A 363 5.85 5.36 13.03
N VAL A 364 5.47 5.22 14.29
CA VAL A 364 4.08 5.08 14.67
C VAL A 364 3.29 6.31 14.28
N GLU A 365 3.86 7.50 14.45
CA GLU A 365 3.14 8.71 14.10
C GLU A 365 2.79 8.81 12.63
N PHE A 366 3.78 8.60 11.74
CA PHE A 366 3.59 8.96 10.32
C PHE A 366 3.27 7.78 9.39
N GLU A 367 3.88 6.63 9.66
CA GLU A 367 3.63 5.44 8.88
C GLU A 367 2.31 4.79 9.25
N TRP A 368 1.78 5.16 10.42
CA TRP A 368 0.57 4.51 10.95
C TRP A 368 -0.57 5.49 11.25
N LEU A 369 -0.51 6.22 12.36
CA LEU A 369 -1.58 7.15 12.71
C LEU A 369 -1.99 8.11 11.57
N ARG A 370 -1.06 8.89 11.03
CA ARG A 370 -1.39 9.88 10.00
C ARG A 370 -1.84 9.26 8.68
N GLN A 371 -1.26 8.12 8.34
CA GLN A 371 -1.70 7.36 7.18
C GLN A 371 -3.14 6.89 7.32
N PHE A 372 -3.49 6.42 8.52
CA PHE A 372 -4.82 5.87 8.78
C PHE A 372 -5.86 6.95 8.76
N TRP A 373 -5.54 8.08 9.33
CA TRP A 373 -6.52 9.14 9.48
C TRP A 373 -6.57 10.08 8.27
N PHE A 374 -5.49 10.07 7.49
CA PHE A 374 -5.49 10.82 6.24
C PHE A 374 -6.54 10.27 5.31
N GLN A 375 -6.91 9.00 5.52
CA GLN A 375 -7.91 8.35 4.71
C GLN A 375 -9.31 8.53 5.34
N GLY A 376 -9.42 9.43 6.31
CA GLY A 376 -10.70 9.83 6.86
C GLY A 376 -11.57 8.75 7.46
N ASN A 377 -11.00 7.56 7.68
CA ASN A 377 -11.76 6.45 8.24
C ASN A 377 -12.85 6.04 7.24
N ARG A 378 -12.42 5.48 6.12
CA ARG A 378 -13.32 5.00 5.07
C ARG A 378 -13.66 3.55 5.35
N TYR A 379 -12.66 2.81 5.82
CA TYR A 379 -12.80 1.38 6.15
C TYR A 379 -13.71 1.15 7.34
N ARG A 380 -14.00 2.22 8.08
CA ARG A 380 -15.01 2.14 9.13
C ARG A 380 -16.33 1.80 8.46
N LYS A 381 -16.43 2.08 7.16
CA LYS A 381 -17.63 1.74 6.39
C LYS A 381 -17.69 0.24 6.10
N CYS A 382 -16.52 -0.40 6.08
CA CYS A 382 -16.44 -1.84 5.79
C CYS A 382 -16.24 -2.72 7.05
N THR A 383 -15.41 -2.28 7.99
CA THR A 383 -15.09 -3.07 9.19
C THR A 383 -14.76 -2.14 10.36
N ASP A 384 -14.73 -2.68 11.58
CA ASP A 384 -14.24 -1.91 12.74
C ASP A 384 -12.87 -2.40 13.25
N TRP A 385 -12.26 -3.33 12.51
CA TRP A 385 -11.08 -4.05 12.98
C TRP A 385 -10.01 -3.11 13.55
N TRP A 386 -9.78 -2.01 12.84
CA TRP A 386 -8.66 -1.10 13.10
C TRP A 386 -8.96 -0.03 14.13
N CYS A 387 -10.21 0.05 14.56
CA CYS A 387 -10.64 1.12 15.46
C CYS A 387 -9.94 1.07 16.82
N GLN A 388 -9.97 -0.10 17.46
CA GLN A 388 -9.28 -0.29 18.73
C GLN A 388 -7.76 -0.31 18.48
N PRO A 389 -7.30 -1.04 17.46
CA PRO A 389 -5.85 -0.97 17.22
C PRO A 389 -5.33 0.45 17.09
N MET A 390 -6.11 1.36 16.50
CA MET A 390 -5.62 2.72 16.24
C MET A 390 -5.77 3.58 17.48
N ALA A 391 -6.77 3.28 18.29
CA ALA A 391 -6.86 3.91 19.61
C ALA A 391 -5.63 3.54 20.44
N GLN A 392 -5.19 2.29 20.34
CA GLN A 392 -4.17 1.80 21.22
C GLN A 392 -2.83 2.37 20.75
N LEU A 393 -2.65 2.47 19.43
CA LEU A 393 -1.45 3.06 18.87
C LEU A 393 -1.41 4.57 19.12
N GLU A 394 -2.58 5.20 19.19
CA GLU A 394 -2.60 6.64 19.47
C GLU A 394 -2.18 6.88 20.91
N ALA A 395 -2.62 6.00 21.81
CA ALA A 395 -2.28 6.09 23.24
C ALA A 395 -0.78 5.81 23.47
N LEU A 396 -0.24 4.82 22.77
CA LEU A 396 1.19 4.56 22.83
C LEU A 396 1.97 5.77 22.32
N TRP A 397 1.45 6.40 21.27
CA TRP A 397 2.05 7.61 20.72
C TRP A 397 2.01 8.78 21.71
N LYS A 398 0.90 8.94 22.43
CA LYS A 398 0.78 10.03 23.39
C LYS A 398 1.82 9.84 24.51
N LYS A 399 1.99 8.61 24.97
CA LYS A 399 3.03 8.34 25.95
C LYS A 399 4.38 8.80 25.37
N MET A 400 4.64 8.45 24.11
CA MET A 400 5.88 8.89 23.48
C MET A 400 6.05 10.43 23.40
N GLU A 401 4.97 11.18 23.15
CA GLU A 401 5.09 12.65 23.22
C GLU A 401 5.56 12.95 24.65
N GLY A 402 5.10 12.14 25.59
CA GLY A 402 5.57 12.24 26.97
C GLY A 402 7.07 12.01 27.08
N VAL A 403 7.56 10.96 26.44
CA VAL A 403 8.99 10.64 26.49
C VAL A 403 9.85 11.77 25.93
N THR A 404 9.58 12.17 24.68
CA THR A 404 10.28 13.29 24.08
C THR A 404 10.37 14.46 25.08
N ASN A 405 9.24 14.85 25.63
CA ASN A 405 9.22 15.89 26.65
C ASN A 405 10.22 15.63 27.79
N ALA A 406 10.18 14.45 28.38
CA ALA A 406 11.15 14.05 29.39
C ALA A 406 12.59 14.26 28.92
N VAL A 407 12.87 13.92 27.67
CA VAL A 407 14.23 14.06 27.16
C VAL A 407 14.56 15.53 27.06
N LEU A 408 13.59 16.36 26.70
CA LEU A 408 13.88 17.77 26.51
C LEU A 408 14.15 18.43 27.86
N HIS A 409 13.49 17.94 28.90
CA HIS A 409 13.74 18.46 30.26
C HIS A 409 15.14 18.07 30.71
N GLU A 410 15.50 16.80 30.48
CA GLU A 410 16.84 16.33 30.81
C GLU A 410 17.94 17.17 30.15
N VAL A 411 17.80 17.45 28.86
CA VAL A 411 18.79 18.20 28.11
C VAL A 411 19.01 19.58 28.70
N LYS A 412 17.96 20.14 29.30
CA LYS A 412 18.00 21.47 29.93
C LYS A 412 18.36 21.42 31.42
N ARG A 413 18.91 20.31 31.88
CA ARG A 413 19.11 20.12 33.32
C ARG A 413 20.38 20.80 33.84
N GLU A 414 20.28 21.35 35.05
CA GLU A 414 21.33 22.19 35.63
C GLU A 414 22.68 21.48 35.76
N GLY A 415 22.71 20.32 36.41
CA GLY A 415 23.94 19.60 36.61
C GLY A 415 24.25 18.55 35.55
N LEU A 416 24.14 18.91 34.28
CA LEU A 416 24.40 17.97 33.19
C LEU A 416 25.66 18.35 32.41
N PRO A 417 26.75 17.59 32.58
CA PRO A 417 27.98 17.94 31.87
C PRO A 417 27.71 18.08 30.38
N VAL A 418 28.09 19.23 29.85
CA VAL A 418 27.75 19.61 28.49
C VAL A 418 28.15 18.56 27.45
N GLU A 419 29.06 17.65 27.81
CA GLU A 419 29.43 16.55 26.93
C GLU A 419 28.28 15.59 26.72
N GLN A 420 27.71 15.13 27.84
CA GLN A 420 26.59 14.21 27.77
C GLN A 420 25.40 14.87 27.09
N ARG A 421 25.21 16.17 27.35
CA ARG A 421 24.15 16.92 26.73
C ARG A 421 24.30 16.86 25.23
N ASN A 422 25.49 17.22 24.75
CA ASN A 422 25.77 17.18 23.31
C ASN A 422 25.56 15.78 22.72
N GLU A 423 25.85 14.75 23.50
CA GLU A 423 25.61 13.39 23.05
C GLU A 423 24.12 13.15 22.77
N ILE A 424 23.27 13.61 23.71
CA ILE A 424 21.81 13.48 23.56
C ILE A 424 21.28 14.23 22.33
N LEU A 425 21.65 15.50 22.22
CA LEU A 425 21.26 16.29 21.06
C LEU A 425 21.63 15.59 19.76
N THR A 426 22.90 15.19 19.62
CA THR A 426 23.36 14.52 18.41
C THR A 426 22.61 13.20 18.16
N ALA A 427 22.16 12.56 19.24
CA ALA A 427 21.37 11.34 19.12
C ALA A 427 19.95 11.54 18.62
N ILE A 428 19.32 12.64 19.02
CA ILE A 428 17.89 12.87 18.74
C ILE A 428 17.59 13.91 17.65
N LEU A 429 18.55 14.74 17.29
CA LEU A 429 18.25 15.91 16.45
C LEU A 429 17.67 15.52 15.08
N ALA A 430 18.26 14.51 14.44
CA ALA A 430 17.76 14.06 13.13
C ALA A 430 16.29 13.65 13.22
N SER A 431 15.92 12.99 14.32
CA SER A 431 14.54 12.52 14.52
C SER A 431 13.56 13.65 14.70
N LEU A 432 13.90 14.58 15.57
CA LEU A 432 13.01 15.70 15.83
C LEU A 432 12.82 16.60 14.60
N THR A 433 13.87 16.74 13.79
CA THR A 433 13.80 17.57 12.58
C THR A 433 12.96 16.88 11.49
N ALA A 434 13.13 15.56 11.34
CA ALA A 434 12.29 14.78 10.44
C ALA A 434 10.84 14.75 10.89
N ARG A 435 10.63 14.84 12.19
CA ARG A 435 9.28 14.85 12.75
C ARG A 435 8.59 16.15 12.36
N GLN A 436 9.31 17.26 12.49
CA GLN A 436 8.78 18.58 12.12
C GLN A 436 8.46 18.73 10.62
N ASN A 437 9.39 18.30 9.77
CA ASN A 437 9.16 18.34 8.32
C ASN A 437 7.98 17.47 7.91
N LEU A 438 7.92 16.25 8.43
CA LEU A 438 6.84 15.34 8.05
C LEU A 438 5.49 15.85 8.55
N ARG A 439 5.48 16.54 9.68
CA ARG A 439 4.25 17.19 10.15
C ARG A 439 3.80 18.31 9.23
N ARG A 440 4.72 19.16 8.79
CA ARG A 440 4.35 20.23 7.88
C ARG A 440 3.68 19.58 6.66
N GLU A 441 4.33 18.55 6.11
CA GLU A 441 3.84 17.86 4.92
C GLU A 441 2.49 17.18 5.07
N TRP A 442 2.20 16.59 6.22
CA TRP A 442 0.91 15.93 6.41
C TRP A 442 -0.21 16.96 6.64
N HIS A 443 0.10 18.07 7.28
CA HIS A 443 -0.90 19.12 7.47
C HIS A 443 -1.33 19.62 6.09
N ALA A 444 -0.34 20.01 5.29
CA ALA A 444 -0.59 20.45 3.93
C ALA A 444 -1.36 19.40 3.16
N ARG A 445 -0.89 18.15 3.20
CA ARG A 445 -1.48 17.10 2.36
C ARG A 445 -2.95 16.90 2.76
N CYS A 446 -3.25 17.18 4.02
CA CYS A 446 -4.59 17.10 4.53
C CYS A 446 -5.40 18.29 4.08
N GLN A 447 -4.73 19.43 3.89
CA GLN A 447 -5.40 20.65 3.41
C GLN A 447 -5.40 20.92 1.90
N SER A 448 -4.80 20.08 1.07
CA SER A 448 -4.69 20.40 -0.36
C SER A 448 -6.06 20.67 -0.98
N ARG A 449 -6.10 21.58 -1.97
CA ARG A 449 -7.36 21.98 -2.59
C ARG A 449 -8.13 20.76 -3.13
N ILE A 450 -7.39 19.71 -3.49
CA ILE A 450 -8.00 18.47 -4.00
C ILE A 450 -8.66 17.67 -2.88
N ALA A 451 -8.06 17.67 -1.69
CA ALA A 451 -8.57 16.92 -0.54
C ALA A 451 -9.89 17.50 0.02
N ARG A 452 -10.00 18.83 0.02
CA ARG A 452 -11.20 19.50 0.52
C ARG A 452 -12.43 19.19 -0.35
N THR A 453 -12.20 18.72 -1.58
CA THR A 453 -13.29 18.43 -2.50
C THR A 453 -13.87 17.02 -2.33
N LEU A 454 -13.25 16.23 -1.46
CA LEU A 454 -13.73 14.87 -1.18
C LEU A 454 -14.99 14.90 -0.31
N PRO A 455 -15.79 13.83 -0.40
CA PRO A 455 -17.02 13.77 0.41
C PRO A 455 -16.70 13.88 1.90
N ALA A 456 -17.74 13.80 2.72
CA ALA A 456 -17.58 13.86 4.17
C ALA A 456 -17.17 12.49 4.70
N ASP A 457 -17.44 11.45 3.92
CA ASP A 457 -17.10 10.07 4.32
C ASP A 457 -15.61 9.76 4.16
N GLN A 458 -14.91 10.57 3.36
CA GLN A 458 -13.54 10.26 2.95
C GLN A 458 -12.58 11.43 3.16
N LYS A 459 -13.09 12.59 3.56
CA LYS A 459 -12.26 13.78 3.71
C LYS A 459 -11.16 13.54 4.76
N PRO A 460 -9.89 13.83 4.39
CA PRO A 460 -8.77 13.61 5.31
C PRO A 460 -8.98 14.20 6.70
N GLU A 461 -8.30 13.62 7.67
CA GLU A 461 -8.37 14.05 9.03
C GLU A 461 -6.92 14.16 9.47
N CYS A 462 -6.46 15.38 9.74
CA CYS A 462 -5.09 15.57 10.21
C CYS A 462 -5.01 15.23 11.68
N ARG A 463 -4.99 13.93 11.98
CA ARG A 463 -4.98 13.46 13.35
C ARG A 463 -3.73 12.60 13.60
N PRO A 464 -3.08 12.75 14.77
CA PRO A 464 -3.47 13.64 15.87
C PRO A 464 -2.99 15.07 15.66
N TYR A 465 -3.77 16.03 16.16
CA TYR A 465 -3.48 17.44 15.97
C TYR A 465 -4.08 18.23 17.15
N TRP A 466 -3.31 19.17 17.68
CA TRP A 466 -3.72 19.92 18.86
C TRP A 466 -3.19 21.35 18.75
N GLU A 467 -3.93 22.30 19.32
CA GLU A 467 -3.55 23.69 19.24
C GLU A 467 -2.63 24.05 20.40
N LYS A 468 -1.90 25.15 20.27
CA LYS A 468 -0.89 25.56 21.24
C LYS A 468 -1.49 25.84 22.60
N ASP A 469 -2.80 26.08 22.62
CA ASP A 469 -3.51 26.33 23.86
C ASP A 469 -4.12 25.04 24.38
N ASP A 470 -3.41 23.93 24.21
CA ASP A 470 -3.95 22.63 24.63
C ASP A 470 -3.09 21.98 25.69
N ALA A 471 -3.54 22.12 26.94
CA ALA A 471 -2.83 21.64 28.12
C ALA A 471 -2.79 20.12 28.21
N SER A 472 -3.65 19.45 27.47
CA SER A 472 -3.66 18.00 27.47
C SER A 472 -2.36 17.43 26.91
N MET A 473 -1.76 18.16 25.96
CA MET A 473 -0.56 17.69 25.29
C MET A 473 0.67 18.40 25.86
N PRO A 474 1.73 17.63 26.17
CA PRO A 474 2.95 18.12 26.82
C PRO A 474 3.87 18.96 25.91
N LEU A 475 3.80 18.76 24.60
CA LEU A 475 4.64 19.50 23.66
C LEU A 475 3.76 20.11 22.56
N PRO A 476 4.25 21.17 21.89
CA PRO A 476 3.48 21.76 20.81
C PRO A 476 3.56 20.88 19.56
N PHE A 477 2.64 21.09 18.63
CA PHE A 477 2.65 20.41 17.36
C PHE A 477 3.75 20.97 16.44
N ASP A 478 4.05 22.25 16.60
CA ASP A 478 5.05 22.92 15.78
C ASP A 478 6.39 23.00 16.51
N LEU A 479 7.29 22.09 16.17
CA LEU A 479 8.55 21.90 16.88
C LEU A 479 9.69 22.84 16.43
N THR A 480 9.42 23.69 15.46
CA THR A 480 10.46 24.55 14.90
C THR A 480 11.23 25.34 15.96
N ASP A 481 10.54 25.86 16.96
CA ASP A 481 11.20 26.54 18.06
C ASP A 481 12.20 25.61 18.76
N ILE A 482 11.72 24.44 19.15
CA ILE A 482 12.54 23.51 19.89
C ILE A 482 13.78 23.08 19.07
N VAL A 483 13.58 22.76 17.79
CA VAL A 483 14.67 22.27 16.95
C VAL A 483 15.75 23.34 16.78
N SER A 484 15.31 24.56 16.53
CA SER A 484 16.23 25.68 16.41
C SER A 484 17.11 25.76 17.63
N GLU A 485 16.49 25.77 18.82
CA GLU A 485 17.23 25.88 20.06
C GLU A 485 18.27 24.75 20.22
N LEU A 486 17.88 23.52 19.88
CA LEU A 486 18.78 22.38 20.03
C LEU A 486 20.04 22.55 19.16
N ARG A 487 19.87 23.04 17.94
CA ARG A 487 21.02 23.35 17.09
C ARG A 487 21.91 24.46 17.64
N GLY A 488 21.30 25.56 18.06
CA GLY A 488 22.04 26.70 18.56
C GLY A 488 22.95 26.25 19.68
N GLN A 489 22.46 25.32 20.47
CA GLN A 489 23.27 24.72 21.52
C GLN A 489 24.44 23.92 20.95
N LEU A 490 24.15 22.99 20.04
CA LEU A 490 25.23 22.18 19.47
C LEU A 490 26.31 23.02 18.78
N LEU A 491 25.99 24.26 18.40
CA LEU A 491 26.99 25.19 17.87
C LEU A 491 27.76 25.92 18.97
N GLU A 492 27.16 26.02 20.16
CA GLU A 492 27.75 26.73 21.29
C GLU A 492 29.20 26.34 21.57
N ALA A 493 30.04 27.35 21.79
CA ALA A 493 31.45 27.16 22.10
C ALA A 493 31.63 26.49 23.46
ZN ZN B . 0.05 -3.05 -11.27
O18 UN9 C . -6.41 -3.97 -12.48
C16 UN9 C . -5.47 -4.61 -12.93
O17 UN9 C . -5.67 -5.49 -13.89
C15 UN9 C . -4.09 -4.44 -12.38
N14 UN9 C . -4.01 -3.46 -11.31
C12 UN9 C . -2.78 -3.05 -11.12
O13 UN9 C . -1.91 -3.53 -11.82
C9 UN9 C . -2.27 -1.95 -10.25
N8 UN9 C . -1.27 -2.18 -9.37
C7 UN9 C . -0.75 -1.17 -8.63
CL1 UN9 C . 0.56 -1.51 -7.43
C2 UN9 C . -1.24 0.11 -8.81
C10 UN9 C . -2.75 -0.67 -10.46
O19 UN9 C . -3.75 -0.44 -11.35
C3 UN9 C . -2.24 0.37 -9.71
C4 UN9 C . -2.74 1.65 -9.89
C5 UN9 C . -2.22 2.69 -9.16
C6 UN9 C . -1.22 2.44 -8.25
C1 UN9 C . -0.73 1.17 -8.07
#